data_5MEQ
#
_entry.id   5MEQ
#
_cell.length_a   53.340
_cell.length_b   81.440
_cell.length_c   56.770
_cell.angle_alpha   90.000
_cell.angle_beta   113.530
_cell.angle_gamma   90.000
#
_symmetry.space_group_name_H-M   'P 1 21 1'
#
loop_
_entity.id
_entity.type
_entity.pdbx_description
1 polymer 'HLA class I histocompatibility antigen, A-2 alpha chain'
2 polymer Beta-2-microglobulin
3 polymer ILE-LEU-ALA-LYS-PHE-LEU-HIS-THR-LEU
4 non-polymer 'SULFATE ION'
5 non-polymer 1,2-ETHANEDIOL
6 water water
#
loop_
_entity_poly.entity_id
_entity_poly.type
_entity_poly.pdbx_seq_one_letter_code
_entity_poly.pdbx_strand_id
1 'polypeptide(L)'
;GSHSMRYFFTSVSRPGRGEPRFIAVGYVDDTQFVRFDSDAASQRMEPRAPWIEQEGPEYWDGETRKVKAHSQTHRVDLGT
LRGYYNQSEAGSHTVQRMYGCDVGSDWRFLRGYHQYAYDGKDYIALKEDLRSWTAADMAAQTTKHKWEAAHVAEQLRAYL
EGTCVEWLRRYLENGKETLQRTDAPKTHMTHHAVSDHEATLRCWALSFYPAEITLTWQRDGEDQTQDTELVETRPAGDGT
FQKWAAVVVPSGQEQRYTCHVQHEGLPKPLTLRWEP
;
A
2 'polypeptide(L)'
;MIQRTPKIQVYSRHPAENGKSNFLNCYVSGFHPSDIEVDLLKNGERIEKVEHSDLSFSKDWSFYLLYYTEFTPTEKDEYA
CRVNHVTLSQPKIVKWDRDM
;
B
3 'polypeptide(L)' ILAKFLHTL C
#
# COMPACT_ATOMS: atom_id res chain seq x y z
N GLY A 1 -16.83 4.44 -12.20
CA GLY A 1 -15.38 4.47 -12.41
C GLY A 1 -14.82 3.07 -12.62
N SER A 2 -13.52 3.08 -12.84
CA SER A 2 -12.78 1.88 -13.04
C SER A 2 -12.52 1.17 -11.72
N HIS A 3 -12.03 -0.05 -11.87
CA HIS A 3 -11.76 -0.95 -10.76
C HIS A 3 -10.57 -1.78 -11.15
N SER A 4 -9.83 -2.19 -10.13
CA SER A 4 -8.68 -3.06 -10.29
C SER A 4 -8.74 -4.25 -9.35
N MET A 5 -8.23 -5.37 -9.83
CA MET A 5 -7.84 -6.46 -8.95
C MET A 5 -6.34 -6.70 -9.08
N ARG A 6 -5.65 -6.76 -7.94
CA ARG A 6 -4.26 -6.97 -7.86
C ARG A 6 -3.79 -7.91 -6.75
N TYR A 7 -2.80 -8.72 -7.10
CA TYR A 7 -2.12 -9.54 -6.14
C TYR A 7 -0.66 -9.17 -6.06
N PHE A 8 -0.12 -9.26 -4.85
CA PHE A 8 1.18 -8.82 -4.45
C PHE A 8 1.82 -9.94 -3.64
N PHE A 9 3.07 -10.23 -3.92
CA PHE A 9 3.76 -11.45 -3.47
C PHE A 9 5.16 -10.99 -3.17
N THR A 10 5.66 -11.33 -2.00
CA THR A 10 6.97 -10.93 -1.55
C THR A 10 7.55 -12.20 -0.97
N SER A 11 8.81 -12.48 -1.27
CA SER A 11 9.50 -13.66 -0.75
C SER A 11 10.90 -13.25 -0.29
N VAL A 12 11.24 -13.47 0.97
CA VAL A 12 12.54 -13.09 1.53
C VAL A 12 13.32 -14.34 2.00
N SER A 13 14.43 -14.66 1.31
CA SER A 13 15.24 -15.83 1.60
C SER A 13 15.83 -15.72 3.03
N ARG A 14 15.89 -16.86 3.74
CA ARG A 14 16.41 -16.95 5.13
C ARG A 14 17.69 -17.80 5.14
N PRO A 15 18.85 -17.13 5.13
CA PRO A 15 20.08 -17.85 4.76
C PRO A 15 20.56 -18.90 5.79
N GLY A 16 20.37 -18.66 7.07
CA GLY A 16 20.82 -19.64 8.03
C GLY A 16 20.16 -21.01 7.91
N ARG A 17 18.84 -21.04 7.70
CA ARG A 17 18.09 -22.29 7.82
C ARG A 17 16.69 -22.11 7.34
N GLY A 18 16.21 -23.07 6.55
CA GLY A 18 14.79 -23.21 6.25
C GLY A 18 14.41 -22.48 4.97
N GLU A 19 13.16 -22.50 4.61
CA GLU A 19 12.76 -21.90 3.35
C GLU A 19 12.38 -20.38 3.45
N PRO A 20 12.12 -19.73 2.31
CA PRO A 20 11.94 -18.30 2.42
C PRO A 20 10.61 -17.93 3.11
N ARG A 21 10.57 -16.75 3.70
CA ARG A 21 9.38 -16.18 4.27
C ARG A 21 8.60 -15.61 3.10
N PHE A 22 7.34 -15.96 3.00
CA PHE A 22 6.56 -15.59 1.85
C PHE A 22 5.23 -14.98 2.32
N ILE A 23 4.88 -13.79 1.82
CA ILE A 23 3.65 -13.12 2.08
C ILE A 23 2.92 -12.72 0.78
N ALA A 24 1.62 -13.00 0.70
CA ALA A 24 0.77 -12.71 -0.47
C ALA A 24 -0.43 -11.90 -0.04
N VAL A 25 -0.75 -10.82 -0.74
CA VAL A 25 -1.95 -10.07 -0.42
C VAL A 25 -2.68 -9.83 -1.67
N GLY A 26 -3.99 -9.93 -1.57
CA GLY A 26 -4.95 -9.65 -2.65
C GLY A 26 -5.76 -8.38 -2.34
N TYR A 27 -5.97 -7.58 -3.37
CA TYR A 27 -6.68 -6.34 -3.26
C TYR A 27 -7.74 -6.18 -4.35
N VAL A 28 -8.87 -5.61 -3.96
CA VAL A 28 -9.78 -5.08 -4.94
C VAL A 28 -9.82 -3.59 -4.71
N ASP A 29 -9.45 -2.84 -5.74
CA ASP A 29 -9.19 -1.42 -5.61
C ASP A 29 -8.27 -1.20 -4.42
N ASP A 30 -8.72 -0.45 -3.40
CA ASP A 30 -7.89 -0.12 -2.27
C ASP A 30 -8.29 -1.01 -1.05
N THR A 31 -8.95 -2.15 -1.30
CA THR A 31 -9.46 -3.00 -0.23
C THR A 31 -8.80 -4.34 -0.30
N GLN A 32 -8.06 -4.65 0.75
CA GLN A 32 -7.45 -5.93 0.86
C GLN A 32 -8.57 -6.90 1.15
N PHE A 33 -8.56 -8.04 0.46
CA PHE A 33 -9.56 -9.08 0.67
C PHE A 33 -9.06 -10.46 1.07
N VAL A 34 -7.78 -10.75 0.87
CA VAL A 34 -7.21 -12.07 1.17
C VAL A 34 -5.69 -11.93 1.45
N ARG A 35 -5.18 -12.96 2.12
CA ARG A 35 -3.81 -13.02 2.34
C ARG A 35 -3.32 -14.41 2.72
N PHE A 36 -2.01 -14.61 2.55
CA PHE A 36 -1.34 -15.80 3.04
C PHE A 36 -0.03 -15.38 3.61
N ASP A 37 0.31 -15.86 4.77
CA ASP A 37 1.65 -15.67 5.23
C ASP A 37 2.25 -17.06 5.60
N SER A 38 3.41 -17.36 5.02
CA SER A 38 4.13 -18.62 5.27
C SER A 38 4.41 -18.89 6.75
N ASP A 39 4.67 -17.85 7.53
CA ASP A 39 4.90 -18.08 8.96
C ASP A 39 3.68 -18.05 9.86
N ALA A 40 2.47 -18.12 9.32
CA ALA A 40 1.26 -18.18 10.18
C ALA A 40 0.95 -19.67 10.37
N ALA A 41 0.26 -20.00 11.46
CA ALA A 41 -0.22 -21.38 11.77
C ALA A 41 -1.23 -22.00 10.78
N SER A 42 -2.17 -21.22 10.24
CA SER A 42 -3.27 -21.80 9.46
C SER A 42 -2.72 -22.55 8.20
N GLN A 43 -1.73 -21.95 7.57
CA GLN A 43 -1.21 -22.40 6.28
C GLN A 43 -2.31 -22.45 5.24
N ARG A 44 -3.11 -21.40 5.27
CA ARG A 44 -4.19 -21.24 4.32
C ARG A 44 -4.31 -19.83 3.91
N MET A 45 -4.86 -19.66 2.73
CA MET A 45 -5.30 -18.38 2.27
C MET A 45 -6.40 -17.97 3.23
N GLU A 46 -6.29 -16.80 3.83
CA GLU A 46 -7.24 -16.33 4.86
C GLU A 46 -8.05 -15.06 4.31
N PRO A 47 -9.36 -14.93 4.68
CA PRO A 47 -10.14 -13.76 4.33
C PRO A 47 -9.71 -12.55 5.11
N ARG A 48 -9.72 -11.39 4.46
CA ARG A 48 -9.46 -10.10 5.14
C ARG A 48 -10.53 -9.01 4.92
N ALA A 49 -11.56 -9.35 4.15
CA ALA A 49 -12.75 -8.59 4.03
C ALA A 49 -13.93 -9.47 4.47
N PRO A 50 -15.00 -8.91 5.05
CA PRO A 50 -16.14 -9.78 5.39
C PRO A 50 -16.89 -10.37 4.20
N TRP A 51 -16.99 -9.66 3.09
CA TRP A 51 -17.67 -10.16 1.89
C TRP A 51 -17.04 -11.39 1.16
N ILE A 52 -15.75 -11.64 1.35
CA ILE A 52 -15.14 -12.81 0.74
C ILE A 52 -15.47 -14.07 1.55
N GLU A 53 -15.85 -13.88 2.82
CA GLU A 53 -16.31 -15.01 3.69
C GLU A 53 -17.47 -15.83 3.13
N GLN A 54 -18.30 -15.25 2.29
CA GLN A 54 -19.38 -15.98 1.59
C GLN A 54 -18.91 -16.98 0.53
N GLU A 55 -17.61 -17.00 0.19
CA GLU A 55 -17.12 -18.06 -0.70
C GLU A 55 -17.05 -19.36 0.08
N GLY A 56 -17.41 -20.45 -0.58
CA GLY A 56 -17.43 -21.75 0.05
C GLY A 56 -16.04 -22.37 0.26
N PRO A 57 -15.98 -23.48 1.02
CA PRO A 57 -14.70 -24.12 1.28
C PRO A 57 -13.91 -24.59 0.07
N GLU A 58 -14.51 -24.84 -1.10
CA GLU A 58 -13.68 -25.09 -2.36
C GLU A 58 -12.85 -23.91 -2.75
N TYR A 59 -13.44 -22.72 -2.70
CA TYR A 59 -12.68 -21.52 -2.98
C TYR A 59 -11.42 -21.49 -2.10
N TRP A 60 -11.57 -21.69 -0.79
CA TRP A 60 -10.41 -21.61 0.11
C TRP A 60 -9.37 -22.76 -0.13
N ASP A 61 -9.85 -23.96 -0.46
CA ASP A 61 -8.99 -25.08 -0.86
C ASP A 61 -8.18 -24.76 -2.13
N GLY A 62 -8.86 -24.25 -3.18
CA GLY A 62 -8.27 -23.88 -4.46
C GLY A 62 -7.28 -22.74 -4.28
N GLU A 63 -7.67 -21.66 -3.60
CA GLU A 63 -6.74 -20.55 -3.34
C GLU A 63 -5.58 -20.87 -2.39
N THR A 64 -5.75 -21.82 -1.53
CA THR A 64 -4.63 -22.27 -0.69
C THR A 64 -3.65 -23.11 -1.53
N ARG A 65 -4.17 -24.06 -2.28
CA ARG A 65 -3.32 -24.89 -3.13
C ARG A 65 -2.48 -24.00 -4.08
N LYS A 66 -3.09 -22.95 -4.64
CA LYS A 66 -2.44 -22.08 -5.67
C LYS A 66 -1.39 -21.22 -5.09
N VAL A 67 -1.69 -20.64 -3.94
CA VAL A 67 -0.79 -19.73 -3.29
C VAL A 67 0.42 -20.52 -2.72
N LYS A 68 0.20 -21.76 -2.32
CA LYS A 68 1.37 -22.57 -1.93
C LYS A 68 2.27 -22.87 -3.14
N ALA A 69 1.71 -23.14 -4.34
CA ALA A 69 2.52 -23.40 -5.55
C ALA A 69 3.26 -22.10 -5.92
N HIS A 70 2.61 -20.95 -5.68
CA HIS A 70 3.26 -19.67 -5.88
C HIS A 70 4.49 -19.55 -4.98
N SER A 71 4.42 -19.86 -3.68
CA SER A 71 5.61 -19.65 -2.83
C SER A 71 6.76 -20.55 -3.23
N GLN A 72 6.44 -21.73 -3.72
CA GLN A 72 7.49 -22.64 -4.25
C GLN A 72 8.16 -22.11 -5.52
N THR A 73 7.39 -21.50 -6.40
CA THR A 73 7.97 -20.85 -7.59
C THR A 73 8.98 -19.77 -7.19
N HIS A 74 8.61 -18.90 -6.23
CA HIS A 74 9.51 -17.87 -5.68
C HIS A 74 10.68 -18.44 -4.89
N ARG A 75 10.45 -19.57 -4.20
CA ARG A 75 11.58 -20.26 -3.55
C ARG A 75 12.62 -20.65 -4.59
N VAL A 76 12.19 -21.29 -5.68
CA VAL A 76 13.08 -21.72 -6.77
C VAL A 76 13.75 -20.50 -7.47
N ASP A 77 13.01 -19.40 -7.62
CA ASP A 77 13.58 -18.21 -8.17
C ASP A 77 14.68 -17.59 -7.37
N LEU A 78 14.49 -17.45 -6.06
CA LEU A 78 15.58 -16.97 -5.22
C LEU A 78 16.90 -17.72 -5.45
N GLY A 79 16.83 -19.03 -5.53
CA GLY A 79 18.02 -19.85 -5.82
C GLY A 79 18.58 -19.71 -7.24
N THR A 80 17.76 -19.62 -8.25
CA THR A 80 18.24 -19.28 -9.61
C THR A 80 18.86 -17.88 -9.69
N LEU A 81 18.22 -16.89 -9.08
CA LEU A 81 18.76 -15.51 -9.09
C LEU A 81 20.04 -15.36 -8.27
N ARG A 82 20.24 -16.20 -7.26
CA ARG A 82 21.50 -16.18 -6.56
C ARG A 82 22.64 -16.61 -7.48
N GLY A 83 22.41 -17.67 -8.27
CA GLY A 83 23.41 -18.17 -9.22
C GLY A 83 23.62 -17.21 -10.40
N TYR A 84 22.57 -16.88 -11.15
CA TYR A 84 22.60 -15.79 -12.17
C TYR A 84 23.44 -14.56 -11.81
N TYR A 85 23.22 -13.98 -10.62
CA TYR A 85 23.98 -12.82 -10.14
C TYR A 85 25.26 -13.18 -9.38
N ASN A 86 25.53 -14.47 -9.29
CA ASN A 86 26.72 -14.98 -8.69
C ASN A 86 26.96 -14.53 -7.22
N GLN A 87 25.88 -14.43 -6.48
CA GLN A 87 25.86 -13.98 -5.10
C GLN A 87 26.18 -15.13 -4.17
N SER A 88 26.66 -14.80 -2.95
CA SER A 88 26.95 -15.83 -1.91
C SER A 88 25.63 -16.28 -1.25
N GLU A 89 25.72 -17.24 -0.32
CA GLU A 89 24.54 -17.65 0.47
C GLU A 89 24.43 -16.88 1.80
N ALA A 90 25.37 -16.00 2.13
CA ALA A 90 25.32 -15.29 3.42
C ALA A 90 24.26 -14.19 3.43
N GLY A 91 23.88 -13.73 2.23
CA GLY A 91 22.99 -12.58 2.07
C GLY A 91 21.55 -12.99 1.96
N SER A 92 20.71 -12.29 2.71
CA SER A 92 19.30 -12.32 2.48
C SER A 92 18.96 -11.59 1.21
N HIS A 93 17.99 -12.08 0.45
CA HIS A 93 17.52 -11.45 -0.81
C HIS A 93 16.03 -11.51 -0.92
N THR A 94 15.46 -10.68 -1.78
CA THR A 94 14.01 -10.51 -1.91
C THR A 94 13.55 -10.55 -3.35
N VAL A 95 12.52 -11.35 -3.65
CA VAL A 95 11.72 -11.20 -4.90
C VAL A 95 10.33 -10.62 -4.60
N GLN A 96 9.80 -9.82 -5.52
CA GLN A 96 8.45 -9.31 -5.44
C GLN A 96 7.79 -9.49 -6.81
N ARG A 97 6.58 -10.01 -6.83
CA ARG A 97 5.74 -9.98 -8.00
C ARG A 97 4.42 -9.21 -7.75
N MET A 98 3.87 -8.67 -8.82
CA MET A 98 2.54 -8.08 -8.77
C MET A 98 1.91 -8.43 -10.06
N TYR A 99 0.68 -8.89 -9.97
CA TYR A 99 -0.14 -8.99 -11.12
C TYR A 99 -1.63 -8.71 -10.89
N GLY A 100 -2.34 -8.57 -12.02
CA GLY A 100 -3.71 -8.17 -12.01
C GLY A 100 -4.24 -7.44 -13.25
N CYS A 101 -5.53 -7.13 -13.19
CA CYS A 101 -6.35 -6.48 -14.26
C CYS A 101 -7.04 -5.23 -13.73
N ASP A 102 -7.25 -4.29 -14.64
CA ASP A 102 -8.03 -3.10 -14.47
C ASP A 102 -9.20 -3.16 -15.41
N VAL A 103 -10.38 -2.75 -14.95
CA VAL A 103 -11.57 -2.63 -15.81
C VAL A 103 -12.09 -1.21 -15.75
N GLY A 104 -12.79 -0.78 -16.82
CA GLY A 104 -13.16 0.63 -16.95
C GLY A 104 -14.47 0.79 -16.19
N SER A 105 -15.28 1.77 -16.56
CA SER A 105 -16.49 1.95 -15.76
C SER A 105 -17.68 1.09 -16.26
N ASP A 106 -17.57 0.55 -17.45
CA ASP A 106 -18.43 -0.57 -17.87
C ASP A 106 -17.93 -1.93 -17.36
N TRP A 107 -16.91 -1.96 -16.52
CA TRP A 107 -16.30 -3.21 -16.02
C TRP A 107 -15.70 -4.22 -17.07
N ARG A 108 -15.62 -3.82 -18.35
CA ARG A 108 -14.85 -4.57 -19.37
C ARG A 108 -13.32 -4.40 -19.21
N PHE A 109 -12.59 -5.41 -19.70
CA PHE A 109 -11.12 -5.41 -19.74
C PHE A 109 -10.53 -4.10 -20.31
N LEU A 110 -9.75 -3.43 -19.49
CA LEU A 110 -9.03 -2.25 -19.89
C LEU A 110 -7.52 -2.60 -20.03
N ARG A 111 -6.93 -3.24 -19.05
CA ARG A 111 -5.47 -3.26 -18.94
C ARG A 111 -4.99 -4.40 -18.04
N GLY A 112 -3.89 -5.04 -18.39
CA GLY A 112 -3.26 -6.10 -17.59
C GLY A 112 -1.79 -5.89 -17.28
N TYR A 113 -1.35 -6.55 -16.21
CA TYR A 113 -0.14 -6.24 -15.44
C TYR A 113 0.49 -7.54 -14.93
N HIS A 114 1.80 -7.67 -15.06
CA HIS A 114 2.51 -8.74 -14.40
C HIS A 114 3.97 -8.33 -14.31
N GLN A 115 4.40 -7.93 -13.12
CA GLN A 115 5.73 -7.43 -12.97
C GLN A 115 6.49 -8.19 -11.91
N TYR A 116 7.81 -8.14 -11.99
CA TYR A 116 8.70 -8.99 -11.19
C TYR A 116 9.97 -8.25 -10.87
N ALA A 117 10.31 -8.14 -9.60
CA ALA A 117 11.50 -7.43 -9.19
C ALA A 117 12.38 -8.31 -8.34
N TYR A 118 13.67 -8.02 -8.34
CA TYR A 118 14.68 -8.74 -7.49
C TYR A 118 15.46 -7.68 -6.82
N ASP A 119 15.71 -7.94 -5.55
CA ASP A 119 16.26 -6.96 -4.64
C ASP A 119 15.80 -5.53 -4.83
N GLY A 120 14.50 -5.35 -5.04
CA GLY A 120 13.92 -4.04 -5.11
C GLY A 120 14.08 -3.33 -6.43
N LYS A 121 14.50 -4.04 -7.48
CA LYS A 121 14.77 -3.46 -8.80
C LYS A 121 14.06 -4.28 -9.83
N ASP A 122 13.46 -3.64 -10.81
CA ASP A 122 12.91 -4.33 -11.99
C ASP A 122 13.77 -5.43 -12.52
N TYR A 123 13.12 -6.54 -12.81
CA TYR A 123 13.71 -7.69 -13.41
C TYR A 123 12.99 -7.97 -14.74
N ILE A 124 11.71 -8.32 -14.69
CA ILE A 124 10.97 -8.60 -15.88
C ILE A 124 9.51 -8.22 -15.73
N ALA A 125 8.92 -7.72 -16.80
CA ALA A 125 7.54 -7.27 -16.78
C ALA A 125 6.93 -7.55 -18.15
N LEU A 126 5.66 -7.95 -18.10
CA LEU A 126 4.88 -8.21 -19.26
C LEU A 126 4.56 -6.83 -19.82
N LYS A 127 4.77 -6.61 -21.12
CA LYS A 127 4.41 -5.33 -21.76
C LYS A 127 2.89 -5.17 -21.83
N GLU A 128 2.41 -3.95 -22.12
CA GLU A 128 0.96 -3.70 -21.99
C GLU A 128 0.10 -4.40 -23.06
N ASP A 129 0.69 -4.74 -24.21
CA ASP A 129 0.04 -5.59 -25.19
C ASP A 129 -0.19 -7.05 -24.72
N LEU A 130 0.48 -7.44 -23.65
CA LEU A 130 0.44 -8.80 -23.07
C LEU A 130 0.99 -9.94 -23.94
N ARG A 131 1.81 -9.61 -24.94
CA ARG A 131 2.42 -10.70 -25.77
C ARG A 131 3.94 -10.69 -25.80
N SER A 132 4.58 -9.84 -24.98
CA SER A 132 6.03 -9.67 -24.96
C SER A 132 6.53 -9.10 -23.63
N TRP A 133 7.83 -9.15 -23.45
CA TRP A 133 8.43 -8.92 -22.17
C TRP A 133 9.49 -7.83 -22.26
N THR A 134 9.62 -7.11 -21.16
CA THR A 134 10.63 -6.11 -20.90
C THR A 134 11.56 -6.77 -19.89
N ALA A 135 12.76 -7.09 -20.33
CA ALA A 135 13.82 -7.55 -19.46
C ALA A 135 14.81 -6.42 -19.16
N ALA A 136 15.16 -6.25 -17.87
CA ALA A 136 16.00 -5.12 -17.42
C ALA A 136 17.49 -5.33 -17.61
N ASP A 137 17.94 -6.56 -17.45
CA ASP A 137 19.33 -6.92 -17.72
C ASP A 137 19.47 -8.28 -18.39
N MET A 138 20.71 -8.75 -18.57
CA MET A 138 20.96 -10.03 -19.27
C MET A 138 20.46 -11.31 -18.58
N ALA A 139 20.52 -11.37 -17.27
CA ALA A 139 19.90 -12.47 -16.56
C ALA A 139 18.39 -12.47 -16.92
N ALA A 140 17.72 -11.33 -16.78
CA ALA A 140 16.31 -11.27 -17.14
C ALA A 140 16.06 -11.52 -18.61
N GLN A 141 16.98 -11.17 -19.49
CA GLN A 141 16.93 -11.61 -20.93
C GLN A 141 16.90 -13.16 -21.10
N THR A 142 17.66 -13.85 -20.25
CA THR A 142 17.63 -15.32 -20.21
C THR A 142 16.28 -15.89 -19.80
N THR A 143 15.70 -15.39 -18.71
CA THR A 143 14.34 -15.68 -18.37
C THR A 143 13.36 -15.34 -19.54
N LYS A 144 13.52 -14.23 -20.21
CA LYS A 144 12.58 -13.87 -21.25
C LYS A 144 12.62 -14.92 -22.39
N HIS A 145 13.83 -15.37 -22.77
CA HIS A 145 13.98 -16.39 -23.79
C HIS A 145 13.24 -17.67 -23.39
N LYS A 146 13.34 -18.04 -22.10
CA LYS A 146 12.70 -19.28 -21.63
C LYS A 146 11.14 -19.20 -21.67
N TRP A 147 10.63 -18.05 -21.28
CA TRP A 147 9.18 -17.83 -21.27
C TRP A 147 8.57 -17.57 -22.64
N GLU A 148 9.32 -16.98 -23.56
CA GLU A 148 8.91 -17.00 -24.98
C GLU A 148 8.84 -18.46 -25.43
N ALA A 149 9.87 -19.26 -25.18
CA ALA A 149 9.87 -20.68 -25.63
C ALA A 149 8.69 -21.51 -25.09
N ALA A 150 8.42 -21.39 -23.81
CA ALA A 150 7.32 -22.12 -23.14
C ALA A 150 5.91 -21.43 -23.21
N HIS A 151 5.74 -20.49 -24.14
CA HIS A 151 4.49 -19.72 -24.33
C HIS A 151 3.78 -19.17 -23.06
N VAL A 152 4.58 -18.66 -22.12
CA VAL A 152 4.07 -18.16 -20.84
C VAL A 152 3.17 -16.90 -20.96
N ALA A 153 3.61 -15.91 -21.74
CA ALA A 153 2.85 -14.67 -22.03
C ALA A 153 1.39 -14.91 -22.39
N GLU A 154 1.17 -15.91 -23.24
CA GLU A 154 -0.15 -16.33 -23.75
C GLU A 154 -1.06 -16.95 -22.67
N GLN A 155 -0.47 -17.56 -21.65
CA GLN A 155 -1.23 -18.15 -20.56
C GLN A 155 -1.69 -17.01 -19.69
N LEU A 156 -0.74 -16.15 -19.36
CA LEU A 156 -1.04 -14.94 -18.67
C LEU A 156 -2.09 -14.12 -19.29
N ARG A 157 -2.11 -14.02 -20.62
N ARG A 157 -2.08 -14.05 -20.61
CA ARG A 157 -3.11 -13.22 -21.31
CA ARG A 157 -3.05 -13.30 -21.39
C ARG A 157 -4.52 -13.83 -21.16
C ARG A 157 -4.46 -13.84 -21.15
N ALA A 158 -4.59 -15.16 -21.21
CA ALA A 158 -5.84 -15.84 -20.93
C ALA A 158 -6.31 -15.54 -19.54
N TYR A 159 -5.41 -15.63 -18.56
CA TYR A 159 -5.74 -15.31 -17.17
C TYR A 159 -6.14 -13.79 -16.99
N LEU A 160 -5.30 -12.85 -17.38
CA LEU A 160 -5.57 -11.43 -17.22
C LEU A 160 -6.77 -10.93 -17.95
N GLU A 161 -7.04 -11.40 -19.16
CA GLU A 161 -8.21 -10.91 -19.93
C GLU A 161 -9.50 -11.68 -19.70
N GLY A 162 -9.43 -12.79 -18.97
CA GLY A 162 -10.51 -13.76 -18.83
C GLY A 162 -10.75 -13.94 -17.34
N THR A 163 -10.11 -14.92 -16.71
CA THR A 163 -10.34 -15.25 -15.29
C THR A 163 -10.30 -14.04 -14.31
N CYS A 164 -9.32 -13.17 -14.47
CA CYS A 164 -9.12 -12.08 -13.52
C CYS A 164 -10.32 -11.15 -13.56
N VAL A 165 -10.79 -10.91 -14.79
CA VAL A 165 -11.83 -9.96 -15.13
C VAL A 165 -13.19 -10.48 -14.65
N GLU A 166 -13.43 -11.78 -14.85
CA GLU A 166 -14.65 -12.43 -14.38
C GLU A 166 -14.68 -12.51 -12.86
N TRP A 167 -13.55 -12.73 -12.21
CA TRP A 167 -13.57 -12.81 -10.74
C TRP A 167 -13.63 -11.43 -10.09
N LEU A 168 -13.02 -10.42 -10.69
CA LEU A 168 -13.23 -9.05 -10.29
C LEU A 168 -14.75 -8.65 -10.29
N ARG A 169 -15.43 -8.91 -11.39
CA ARG A 169 -16.84 -8.57 -11.54
C ARG A 169 -17.69 -9.18 -10.44
N ARG A 170 -17.40 -10.44 -10.20
CA ARG A 170 -18.07 -11.22 -9.22
C ARG A 170 -17.82 -10.67 -7.80
N TYR A 171 -16.57 -10.38 -7.45
CA TYR A 171 -16.32 -9.72 -6.18
C TYR A 171 -17.06 -8.33 -6.05
N LEU A 172 -17.02 -7.49 -7.07
CA LEU A 172 -17.70 -6.16 -7.02
C LEU A 172 -19.18 -6.31 -6.75
N GLU A 173 -19.73 -7.38 -7.29
CA GLU A 173 -21.11 -7.77 -7.04
C GLU A 173 -21.34 -8.37 -5.63
N ASN A 174 -20.38 -9.09 -5.06
CA ASN A 174 -20.59 -9.64 -3.69
C ASN A 174 -20.12 -8.77 -2.54
N GLY A 175 -19.11 -7.94 -2.79
CA GLY A 175 -18.76 -6.83 -1.91
C GLY A 175 -19.50 -5.52 -2.23
N LYS A 176 -20.57 -5.59 -3.02
CA LYS A 176 -21.25 -4.42 -3.52
C LYS A 176 -21.45 -3.28 -2.53
N GLU A 177 -22.02 -3.54 -1.37
CA GLU A 177 -22.32 -2.43 -0.45
C GLU A 177 -21.09 -1.70 0.14
N THR A 178 -19.88 -2.24 -0.01
CA THR A 178 -18.61 -1.46 0.17
C THR A 178 -17.76 -1.18 -1.08
N LEU A 179 -17.54 -2.14 -1.96
CA LEU A 179 -16.71 -1.89 -3.11
C LEU A 179 -17.30 -0.91 -4.18
N GLN A 180 -18.62 -0.92 -4.40
CA GLN A 180 -19.25 -0.02 -5.34
C GLN A 180 -19.76 1.27 -4.67
N ARG A 181 -19.43 1.49 -3.39
CA ARG A 181 -19.74 2.75 -2.73
C ARG A 181 -18.46 3.52 -2.85
N THR A 182 -18.64 4.83 -2.89
CA THR A 182 -17.56 5.75 -2.89
C THR A 182 -17.85 6.71 -1.70
N ASP A 183 -16.85 6.90 -0.83
CA ASP A 183 -16.99 7.79 0.34
C ASP A 183 -16.19 9.09 0.09
N ALA A 184 -16.95 10.15 -0.17
CA ALA A 184 -16.36 11.44 -0.41
C ALA A 184 -15.64 11.87 0.87
N PRO A 185 -14.60 12.70 0.77
CA PRO A 185 -13.89 13.14 1.96
C PRO A 185 -14.64 14.20 2.78
N LYS A 186 -14.59 14.00 4.09
CA LYS A 186 -15.00 15.03 5.07
C LYS A 186 -13.84 16.01 5.18
N THR A 187 -14.05 17.24 4.75
CA THR A 187 -12.97 18.24 4.77
C THR A 187 -13.14 19.32 5.84
N HIS A 188 -12.04 19.78 6.41
CA HIS A 188 -12.00 21.01 7.20
C HIS A 188 -10.61 21.70 7.12
N MET A 189 -10.49 22.89 7.69
CA MET A 189 -9.28 23.65 7.68
C MET A 189 -8.90 24.06 9.07
N THR A 190 -7.63 23.96 9.40
CA THR A 190 -7.10 24.47 10.67
C THR A 190 -6.11 25.61 10.44
N HIS A 191 -5.96 26.41 11.48
CA HIS A 191 -5.06 27.55 11.56
C HIS A 191 -4.09 27.35 12.76
N HIS A 192 -2.82 27.75 12.64
CA HIS A 192 -1.78 27.62 13.73
C HIS A 192 -0.78 28.77 13.61
N ALA A 193 -0.61 29.56 14.65
CA ALA A 193 0.25 30.71 14.53
C ALA A 193 1.69 30.23 14.71
N VAL A 194 2.48 30.31 13.63
CA VAL A 194 3.92 30.00 13.63
C VAL A 194 4.68 30.93 14.61
N SER A 195 4.53 32.23 14.31
CA SER A 195 5.14 33.36 15.00
C SER A 195 4.09 34.48 14.94
N ASP A 196 4.45 35.69 15.34
CA ASP A 196 3.48 36.80 15.34
C ASP A 196 3.17 37.34 13.93
N HIS A 197 3.88 36.88 12.90
CA HIS A 197 3.67 37.37 11.53
C HIS A 197 3.44 36.34 10.38
N GLU A 198 3.67 35.06 10.67
CA GLU A 198 3.51 33.96 9.75
C GLU A 198 2.35 33.16 10.36
N ALA A 199 1.52 32.54 9.53
CA ALA A 199 0.43 31.62 9.96
C ALA A 199 0.33 30.44 8.99
N THR A 200 -0.13 29.29 9.46
CA THR A 200 -0.22 28.05 8.68
C THR A 200 -1.68 27.61 8.49
N LEU A 201 -2.13 27.44 7.28
CA LEU A 201 -3.46 26.87 7.06
C LEU A 201 -3.27 25.43 6.56
N ARG A 202 -3.94 24.50 7.22
CA ARG A 202 -3.91 23.12 6.86
C ARG A 202 -5.32 22.66 6.49
N CYS A 203 -5.41 22.04 5.31
CA CYS A 203 -6.63 21.57 4.70
C CYS A 203 -6.62 20.07 4.84
N TRP A 204 -7.70 19.51 5.39
CA TRP A 204 -7.82 18.10 5.76
C TRP A 204 -8.84 17.42 4.93
N ALA A 205 -8.46 16.21 4.48
CA ALA A 205 -9.38 15.31 3.83
C ALA A 205 -9.35 14.03 4.66
N LEU A 206 -10.50 13.61 5.18
CA LEU A 206 -10.55 12.52 6.15
C LEU A 206 -11.57 11.58 5.68
N SER A 207 -11.39 10.30 5.97
CA SER A 207 -12.47 9.35 5.82
C SER A 207 -12.93 9.01 4.38
N PHE A 208 -12.01 9.01 3.40
CA PHE A 208 -12.42 8.88 2.01
C PHE A 208 -12.03 7.58 1.37
N TYR A 209 -12.80 7.15 0.40
CA TYR A 209 -12.50 5.98 -0.35
C TYR A 209 -12.98 6.25 -1.77
N PRO A 210 -12.21 5.92 -2.83
CA PRO A 210 -10.88 5.26 -2.77
C PRO A 210 -9.79 6.22 -2.42
N ALA A 211 -8.54 5.80 -2.54
CA ALA A 211 -7.45 6.59 -1.99
C ALA A 211 -7.03 7.72 -2.86
N GLU A 212 -7.26 7.61 -4.18
CA GLU A 212 -6.83 8.68 -5.12
C GLU A 212 -7.53 10.00 -4.68
N ILE A 213 -6.77 11.07 -4.54
CA ILE A 213 -7.36 12.36 -4.18
C ILE A 213 -6.44 13.46 -4.71
N THR A 214 -6.92 14.67 -4.96
CA THR A 214 -5.97 15.79 -5.11
C THR A 214 -6.34 17.00 -4.23
N LEU A 215 -5.34 17.53 -3.54
CA LEU A 215 -5.44 18.75 -2.77
C LEU A 215 -4.54 19.81 -3.34
N THR A 216 -5.10 20.99 -3.61
CA THR A 216 -4.40 22.09 -4.29
C THR A 216 -4.71 23.34 -3.50
N TRP A 217 -3.68 24.12 -3.23
CA TRP A 217 -3.85 25.43 -2.70
C TRP A 217 -3.93 26.47 -3.84
N GLN A 218 -4.72 27.52 -3.64
CA GLN A 218 -4.69 28.62 -4.52
C GLN A 218 -4.56 29.86 -3.70
N ARG A 219 -4.03 30.88 -4.37
CA ARG A 219 -4.02 32.23 -3.87
C ARG A 219 -4.60 33.19 -4.92
N ASP A 220 -5.67 33.90 -4.54
CA ASP A 220 -6.34 34.86 -5.42
C ASP A 220 -6.62 34.21 -6.80
N GLY A 221 -7.07 32.96 -6.77
CA GLY A 221 -7.40 32.17 -7.96
C GLY A 221 -6.29 31.46 -8.76
N GLU A 222 -5.04 31.46 -8.26
CA GLU A 222 -3.91 30.84 -8.98
C GLU A 222 -3.24 29.78 -8.14
N ASP A 223 -2.89 28.66 -8.76
CA ASP A 223 -2.14 27.61 -8.09
C ASP A 223 -0.97 28.17 -7.28
N GLN A 224 -0.69 27.52 -6.16
CA GLN A 224 0.46 27.85 -5.36
C GLN A 224 1.09 26.59 -4.85
N THR A 225 2.35 26.39 -5.19
CA THR A 225 3.15 25.24 -4.74
C THR A 225 4.26 25.64 -3.75
N GLN A 226 4.72 26.87 -3.88
CA GLN A 226 5.64 27.43 -2.93
C GLN A 226 5.02 27.66 -1.55
N ASP A 227 5.80 27.34 -0.52
CA ASP A 227 5.40 27.48 0.87
C ASP A 227 4.23 26.53 1.27
N THR A 228 4.15 25.39 0.60
CA THR A 228 3.15 24.36 0.85
C THR A 228 3.87 23.08 1.20
N GLU A 229 3.08 22.11 1.66
CA GLU A 229 3.57 20.83 2.05
C GLU A 229 2.38 19.89 1.98
N LEU A 230 2.52 18.80 1.22
CA LEU A 230 1.55 17.70 1.10
C LEU A 230 2.06 16.55 1.96
N VAL A 231 1.19 15.71 2.52
CA VAL A 231 1.64 14.41 3.07
C VAL A 231 1.15 13.37 2.13
N GLU A 232 1.86 12.25 2.10
CA GLU A 232 1.43 11.08 1.38
C GLU A 232 0.09 10.69 1.99
N THR A 233 -0.82 10.27 1.14
CA THR A 233 -2.09 9.71 1.54
C THR A 233 -1.88 8.48 2.43
N ARG A 234 -2.57 8.45 3.57
CA ARG A 234 -2.34 7.41 4.58
C ARG A 234 -3.63 6.68 4.95
N PRO A 235 -3.57 5.35 5.16
CA PRO A 235 -4.73 4.61 5.62
C PRO A 235 -5.17 4.95 7.10
N ALA A 236 -6.45 5.07 7.34
CA ALA A 236 -6.97 5.37 8.70
C ALA A 236 -7.02 4.14 9.55
N GLY A 237 -7.18 2.98 8.92
CA GLY A 237 -7.19 1.69 9.55
C GLY A 237 -8.58 1.03 9.63
N ASP A 238 -9.61 1.71 9.09
CA ASP A 238 -10.99 1.28 9.05
C ASP A 238 -11.47 1.17 7.60
N GLY A 239 -10.55 0.99 6.65
CA GLY A 239 -10.87 0.92 5.20
C GLY A 239 -10.76 2.26 4.44
N THR A 240 -10.73 3.41 5.15
CA THR A 240 -10.73 4.74 4.54
C THR A 240 -9.38 5.37 4.63
N PHE A 241 -9.25 6.51 3.94
CA PHE A 241 -7.99 7.23 3.93
C PHE A 241 -8.03 8.69 4.37
N GLN A 242 -6.83 9.20 4.66
CA GLN A 242 -6.58 10.56 5.05
C GLN A 242 -5.41 11.19 4.26
N LYS A 243 -5.38 12.51 4.32
CA LYS A 243 -4.41 13.34 3.61
C LYS A 243 -4.68 14.74 4.00
N TRP A 244 -3.61 15.53 4.01
CA TRP A 244 -3.71 16.93 4.25
C TRP A 244 -2.64 17.64 3.50
N ALA A 245 -2.86 18.95 3.33
CA ALA A 245 -1.98 19.84 2.61
C ALA A 245 -2.07 21.13 3.36
N ALA A 246 -0.97 21.85 3.42
CA ALA A 246 -0.86 23.04 4.23
C ALA A 246 -0.05 24.10 3.46
N VAL A 247 -0.20 25.35 3.89
CA VAL A 247 0.43 26.48 3.29
C VAL A 247 0.77 27.44 4.39
N VAL A 248 1.93 28.07 4.28
CA VAL A 248 2.31 29.14 5.17
C VAL A 248 1.97 30.47 4.51
N VAL A 249 1.33 31.36 5.26
CA VAL A 249 0.83 32.63 4.75
C VAL A 249 1.07 33.76 5.70
N PRO A 250 1.14 35.00 5.20
CA PRO A 250 1.34 36.07 6.14
C PRO A 250 0.08 36.32 6.99
N SER A 251 0.26 36.55 8.27
CA SER A 251 -0.88 36.91 9.14
C SER A 251 -1.74 38.03 8.62
N GLY A 252 -3.06 37.85 8.75
CA GLY A 252 -4.02 38.75 8.15
C GLY A 252 -4.36 38.47 6.69
N GLN A 253 -3.65 37.57 6.01
CA GLN A 253 -3.93 37.35 4.59
C GLN A 253 -4.60 36.01 4.25
N GLU A 254 -5.12 35.36 5.29
CA GLU A 254 -5.73 34.05 5.22
C GLU A 254 -6.80 33.85 4.15
N GLN A 255 -7.57 34.89 3.89
CA GLN A 255 -8.73 34.79 2.97
C GLN A 255 -8.40 34.88 1.48
N ARG A 256 -7.18 35.27 1.18
CA ARG A 256 -6.68 35.11 -0.17
C ARG A 256 -6.60 33.63 -0.62
N TYR A 257 -6.42 32.73 0.35
CA TYR A 257 -6.15 31.33 0.13
C TYR A 257 -7.37 30.39 0.17
N THR A 258 -7.42 29.50 -0.81
CA THR A 258 -8.43 28.54 -0.96
C THR A 258 -7.81 27.18 -1.23
N CYS A 259 -8.46 26.13 -0.72
CA CYS A 259 -7.95 24.75 -0.83
C CYS A 259 -8.96 24.04 -1.66
N HIS A 260 -8.51 23.32 -2.68
CA HIS A 260 -9.40 22.70 -3.62
C HIS A 260 -9.23 21.21 -3.50
N VAL A 261 -10.35 20.49 -3.43
CA VAL A 261 -10.32 19.05 -3.20
C VAL A 261 -11.05 18.37 -4.29
N GLN A 262 -10.35 17.46 -4.96
CA GLN A 262 -10.95 16.62 -5.99
C GLN A 262 -10.96 15.16 -5.65
N HIS A 263 -12.06 14.48 -5.90
CA HIS A 263 -12.22 13.10 -5.50
C HIS A 263 -13.37 12.52 -6.23
N GLU A 264 -13.22 11.30 -6.76
CA GLU A 264 -14.27 10.58 -7.47
C GLU A 264 -15.71 10.60 -6.86
N GLY A 265 -15.79 10.64 -5.54
CA GLY A 265 -17.05 10.78 -4.85
C GLY A 265 -17.68 12.16 -4.70
N LEU A 266 -17.05 13.21 -5.21
CA LEU A 266 -17.55 14.58 -5.15
C LEU A 266 -18.04 15.05 -6.53
N PRO A 267 -19.35 14.96 -6.81
CA PRO A 267 -19.89 15.40 -8.10
C PRO A 267 -19.11 16.53 -8.75
N LYS A 268 -18.83 17.57 -7.99
CA LYS A 268 -18.04 18.72 -8.39
C LYS A 268 -16.94 18.85 -7.33
N PRO A 269 -15.72 19.31 -7.71
CA PRO A 269 -14.70 19.80 -6.77
C PRO A 269 -15.14 20.82 -5.68
N LEU A 270 -14.50 20.68 -4.52
CA LEU A 270 -14.87 21.38 -3.32
C LEU A 270 -13.87 22.45 -3.11
N THR A 271 -14.29 23.52 -2.47
CA THR A 271 -13.43 24.65 -2.26
C THR A 271 -13.57 25.11 -0.79
N LEU A 272 -12.45 25.11 -0.06
CA LEU A 272 -12.42 25.57 1.32
C LEU A 272 -11.71 26.88 1.46
N ARG A 273 -12.23 27.74 2.33
CA ARG A 273 -11.64 29.02 2.65
C ARG A 273 -11.66 29.17 4.16
N TRP A 274 -10.64 29.79 4.73
CA TRP A 274 -10.54 29.92 6.17
C TRP A 274 -11.74 30.69 6.68
N GLU A 275 -11.87 31.93 6.23
CA GLU A 275 -12.92 32.86 6.74
C GLU A 275 -14.30 32.21 7.00
N PRO A 276 -14.66 32.03 8.29
CA PRO A 276 -16.10 31.83 8.59
C PRO A 276 -16.78 33.21 8.81
N MET B 1 20.90 -4.89 -2.67
CA MET B 1 21.92 -3.90 -2.18
C MET B 1 21.51 -2.38 -2.39
N ILE B 2 20.30 -2.12 -2.90
CA ILE B 2 19.65 -0.76 -2.91
C ILE B 2 18.74 -0.53 -1.68
N GLN B 3 19.12 0.40 -0.83
CA GLN B 3 18.43 0.56 0.44
C GLN B 3 17.71 1.87 0.48
N ARG B 4 16.45 1.83 0.95
CA ARG B 4 15.53 2.96 1.03
C ARG B 4 15.08 3.16 2.51
N THR B 5 15.28 4.35 3.01
CA THR B 5 14.97 4.67 4.39
C THR B 5 13.45 4.91 4.56
N PRO B 6 12.81 4.30 5.57
CA PRO B 6 11.32 4.46 5.70
C PRO B 6 10.90 5.87 6.04
N LYS B 7 9.81 6.33 5.42
CA LYS B 7 9.07 7.51 5.89
C LYS B 7 8.14 7.05 6.94
N ILE B 8 7.74 7.96 7.83
CA ILE B 8 6.93 7.66 9.01
C ILE B 8 5.89 8.75 9.22
N GLN B 9 4.65 8.35 9.47
CA GLN B 9 3.64 9.27 9.96
C GLN B 9 3.07 8.56 11.14
N VAL B 10 2.83 9.30 12.18
CA VAL B 10 2.21 8.85 13.37
C VAL B 10 0.93 9.72 13.58
N TYR B 11 -0.24 9.12 13.75
CA TYR B 11 -1.50 9.88 13.77
C TYR B 11 -2.60 9.01 14.29
N SER B 12 -3.71 9.60 14.68
CA SER B 12 -4.87 8.86 15.20
C SER B 12 -5.80 8.56 14.05
N ARG B 13 -6.59 7.52 14.17
CA ARG B 13 -7.62 7.22 13.19
C ARG B 13 -8.75 8.25 13.20
N HIS B 14 -9.12 8.80 14.37
CA HIS B 14 -10.15 9.82 14.43
C HIS B 14 -9.59 11.09 15.12
N PRO B 15 -10.21 12.27 14.87
CA PRO B 15 -9.97 13.48 15.67
C PRO B 15 -9.83 13.18 17.16
N ALA B 16 -8.76 13.67 17.74
CA ALA B 16 -8.33 13.22 19.04
C ALA B 16 -8.99 14.04 20.14
N GLU B 17 -9.84 13.40 20.91
CA GLU B 17 -10.33 14.03 22.12
C GLU B 17 -10.07 13.17 23.33
N ASN B 18 -9.91 13.83 24.47
CA ASN B 18 -9.47 13.13 25.63
C ASN B 18 -10.59 12.33 26.25
N GLY B 19 -10.22 11.20 26.83
CA GLY B 19 -11.19 10.28 27.39
C GLY B 19 -12.06 9.65 26.33
N LYS B 20 -11.68 9.72 25.07
CA LYS B 20 -12.45 9.08 24.01
C LYS B 20 -11.63 8.04 23.28
N SER B 21 -12.13 6.80 23.28
CA SER B 21 -11.39 5.71 22.73
C SER B 21 -11.14 5.93 21.18
N ASN B 22 -9.97 5.52 20.74
CA ASN B 22 -9.45 5.87 19.42
C ASN B 22 -8.45 4.80 18.95
N PHE B 23 -7.69 5.07 17.91
CA PHE B 23 -6.61 4.20 17.44
C PHE B 23 -5.36 5.03 17.10
N LEU B 24 -4.22 4.66 17.68
CA LEU B 24 -2.96 5.30 17.35
C LEU B 24 -2.31 4.52 16.24
N ASN B 25 -1.92 5.20 15.14
CA ASN B 25 -1.37 4.53 13.94
C ASN B 25 0.06 5.00 13.78
N CYS B 26 0.92 4.12 13.21
CA CYS B 26 2.21 4.48 12.73
C CYS B 26 2.34 3.84 11.35
N TYR B 27 2.40 4.69 10.32
CA TYR B 27 2.33 4.24 8.95
C TYR B 27 3.77 4.38 8.52
N VAL B 28 4.40 3.30 8.05
CA VAL B 28 5.81 3.32 7.62
C VAL B 28 5.86 2.91 6.15
N SER B 29 6.54 3.71 5.32
CA SER B 29 6.52 3.45 3.92
C SER B 29 7.85 3.78 3.26
N GLY B 30 8.04 3.25 2.05
CA GLY B 30 9.13 3.70 1.17
C GLY B 30 10.43 3.02 1.59
N PHE B 31 10.38 1.86 2.21
CA PHE B 31 11.61 1.29 2.76
C PHE B 31 11.88 0.02 1.99
N HIS B 32 13.15 -0.35 1.94
CA HIS B 32 13.61 -1.62 1.36
C HIS B 32 14.96 -1.87 1.95
N PRO B 33 15.29 -3.09 2.38
CA PRO B 33 14.43 -4.25 2.36
C PRO B 33 13.29 -4.26 3.40
N SER B 34 12.51 -5.34 3.40
CA SER B 34 11.27 -5.41 4.24
C SER B 34 11.44 -5.53 5.76
N ASP B 35 12.59 -6.02 6.24
CA ASP B 35 12.79 -6.22 7.65
C ASP B 35 12.83 -4.90 8.30
N ILE B 36 11.99 -4.74 9.31
CA ILE B 36 11.83 -3.46 9.95
C ILE B 36 11.28 -3.71 11.33
N GLU B 37 11.57 -2.81 12.27
CA GLU B 37 11.02 -2.90 13.64
C GLU B 37 10.33 -1.61 13.98
N VAL B 38 9.09 -1.76 14.38
CA VAL B 38 8.25 -0.64 14.69
C VAL B 38 7.64 -0.90 16.06
N ASP B 39 7.72 0.12 16.90
CA ASP B 39 7.11 0.09 18.22
C ASP B 39 6.33 1.39 18.42
N LEU B 40 5.18 1.29 19.07
CA LEU B 40 4.51 2.49 19.62
C LEU B 40 4.99 2.67 21.03
N LEU B 41 5.14 3.90 21.47
CA LEU B 41 5.55 4.20 22.81
C LEU B 41 4.51 5.05 23.52
N LYS B 42 4.35 4.82 24.83
CA LYS B 42 3.52 5.66 25.69
C LYS B 42 4.39 6.15 26.81
N ASN B 43 4.55 7.46 26.92
CA ASN B 43 5.53 8.07 27.83
C ASN B 43 6.91 7.34 27.87
N GLY B 44 7.38 6.94 26.68
CA GLY B 44 8.67 6.27 26.52
C GLY B 44 8.63 4.75 26.51
N GLU B 45 7.70 4.17 27.28
CA GLU B 45 7.56 2.72 27.44
C GLU B 45 6.79 2.08 26.28
N ARG B 46 7.25 0.89 25.88
CA ARG B 46 6.73 0.19 24.73
C ARG B 46 5.34 -0.37 25.05
N ILE B 47 4.43 -0.34 24.06
CA ILE B 47 3.06 -0.84 24.17
C ILE B 47 3.03 -2.23 23.52
N GLU B 48 2.40 -3.23 24.14
CA GLU B 48 2.52 -4.64 23.66
C GLU B 48 1.30 -5.11 22.84
N LYS B 49 0.18 -4.43 22.91
CA LYS B 49 -1.02 -4.91 22.22
C LYS B 49 -1.05 -4.24 20.83
N VAL B 50 -0.02 -4.48 19.99
CA VAL B 50 0.20 -3.74 18.69
C VAL B 50 0.06 -4.63 17.48
N GLU B 51 -0.91 -4.32 16.64
CA GLU B 51 -1.13 -5.14 15.50
C GLU B 51 -0.61 -4.37 14.31
N HIS B 52 -0.47 -5.07 13.18
CA HIS B 52 -0.02 -4.46 11.95
C HIS B 52 -0.55 -5.16 10.76
N SER B 53 -0.50 -4.46 9.63
CA SER B 53 -1.15 -4.89 8.42
C SER B 53 -0.21 -5.85 7.74
N ASP B 54 -0.70 -6.46 6.68
CA ASP B 54 0.02 -7.46 5.90
C ASP B 54 0.99 -6.74 4.98
N LEU B 55 2.25 -7.12 4.96
CA LEU B 55 3.19 -6.50 4.01
C LEU B 55 2.76 -6.46 2.48
N SER B 56 2.86 -5.26 1.91
CA SER B 56 2.66 -5.02 0.49
C SER B 56 3.59 -3.89 0.09
N PHE B 57 3.47 -3.47 -1.15
CA PHE B 57 4.41 -2.52 -1.61
C PHE B 57 3.82 -1.71 -2.79
N SER B 58 4.51 -0.62 -3.09
CA SER B 58 4.17 0.35 -4.11
C SER B 58 4.76 -0.01 -5.43
N LYS B 59 4.37 0.76 -6.45
CA LYS B 59 4.76 0.47 -7.82
C LYS B 59 6.30 0.60 -8.03
N ASP B 60 6.99 1.40 -7.19
CA ASP B 60 8.48 1.44 -7.16
C ASP B 60 9.17 0.35 -6.30
N TRP B 61 8.35 -0.61 -5.88
CA TRP B 61 8.71 -1.77 -5.11
C TRP B 61 9.06 -1.48 -3.68
N SER B 62 8.85 -0.26 -3.21
CA SER B 62 9.11 0.04 -1.81
C SER B 62 7.88 -0.45 -0.97
N PHE B 63 8.18 -0.85 0.26
CA PHE B 63 7.26 -1.57 1.14
C PHE B 63 6.57 -0.54 2.01
N TYR B 64 5.39 -0.92 2.53
CA TYR B 64 4.68 -0.13 3.51
C TYR B 64 3.91 -0.98 4.50
N LEU B 65 3.73 -0.40 5.70
CA LEU B 65 3.08 -1.11 6.76
C LEU B 65 2.28 -0.20 7.66
N LEU B 66 1.12 -0.65 8.10
CA LEU B 66 0.42 0.07 9.13
C LEU B 66 0.52 -0.65 10.47
N TYR B 67 1.11 -0.01 11.47
CA TYR B 67 1.04 -0.50 12.85
C TYR B 67 -0.04 0.37 13.60
N TYR B 68 -0.92 -0.31 14.35
CA TYR B 68 -1.95 0.34 15.14
C TYR B 68 -2.19 -0.35 16.53
N THR B 69 -2.63 0.44 17.53
CA THR B 69 -3.19 -0.09 18.79
C THR B 69 -4.35 0.84 19.26
N GLU B 70 -5.38 0.27 19.87
CA GLU B 70 -6.41 1.08 20.53
C GLU B 70 -5.77 1.84 21.64
N PHE B 71 -6.23 3.08 21.83
CA PHE B 71 -5.81 3.89 22.97
C PHE B 71 -6.89 4.94 23.25
N THR B 72 -6.84 5.51 24.46
CA THR B 72 -7.67 6.68 24.75
C THR B 72 -6.75 7.80 25.21
N PRO B 73 -6.57 8.83 24.40
CA PRO B 73 -5.74 9.93 24.81
C PRO B 73 -6.32 10.71 26.00
N THR B 74 -5.40 11.27 26.76
CA THR B 74 -5.65 11.99 27.97
C THR B 74 -4.75 13.21 27.84
N GLU B 75 -4.94 14.09 28.79
CA GLU B 75 -4.30 15.39 28.86
C GLU B 75 -2.76 15.27 28.89
N LYS B 76 -2.23 14.47 29.83
CA LYS B 76 -0.77 14.29 29.98
C LYS B 76 -0.05 13.23 29.10
N ASP B 77 -0.73 12.20 28.59
CA ASP B 77 0.01 11.09 27.97
C ASP B 77 0.67 11.55 26.69
N GLU B 78 1.92 11.15 26.50
CA GLU B 78 2.66 11.40 25.25
C GLU B 78 2.90 10.10 24.53
N TYR B 79 2.65 10.11 23.24
CA TYR B 79 2.76 8.93 22.39
C TYR B 79 3.78 9.17 21.26
N ALA B 80 4.31 8.09 20.71
CA ALA B 80 5.40 8.18 19.75
C ALA B 80 5.48 6.89 18.97
N CYS B 81 6.18 6.91 17.87
CA CYS B 81 6.40 5.71 17.08
C CYS B 81 7.91 5.55 17.00
N ARG B 82 8.41 4.32 17.15
CA ARG B 82 9.87 4.08 17.15
C ARG B 82 10.22 3.11 16.05
N VAL B 83 11.03 3.55 15.10
CA VAL B 83 11.37 2.72 13.95
C VAL B 83 12.89 2.44 13.91
N ASN B 84 13.26 1.18 13.68
CA ASN B 84 14.65 0.80 13.30
C ASN B 84 14.66 -0.06 12.06
N HIS B 85 15.70 0.10 11.28
CA HIS B 85 15.77 -0.48 9.93
C HIS B 85 17.25 -0.43 9.57
N VAL B 86 17.74 -1.41 8.79
CA VAL B 86 19.15 -1.50 8.50
C VAL B 86 19.73 -0.16 8.04
N THR B 87 18.88 0.55 7.35
CA THR B 87 19.14 1.84 6.80
C THR B 87 19.45 2.95 7.83
N LEU B 88 18.93 2.87 9.04
CA LEU B 88 19.13 3.94 10.05
C LEU B 88 20.27 3.67 11.02
N SER B 89 21.02 4.74 11.34
CA SER B 89 22.09 4.72 12.36
C SER B 89 21.61 4.21 13.70
N GLN B 90 20.51 4.75 14.16
CA GLN B 90 19.82 4.17 15.30
C GLN B 90 18.33 4.47 15.17
N PRO B 91 17.52 4.09 16.17
CA PRO B 91 16.08 4.32 16.01
C PRO B 91 15.62 5.78 15.72
N LYS B 92 14.82 6.00 14.68
CA LYS B 92 14.16 7.29 14.51
C LYS B 92 12.86 7.24 15.37
N ILE B 93 12.72 8.20 16.27
CA ILE B 93 11.47 8.41 17.01
C ILE B 93 10.66 9.60 16.44
N VAL B 94 9.37 9.42 16.21
CA VAL B 94 8.47 10.51 15.77
C VAL B 94 7.33 10.68 16.78
N LYS B 95 7.17 11.87 17.36
CA LYS B 95 6.09 12.13 18.33
C LYS B 95 4.73 12.23 17.65
N TRP B 96 3.69 11.81 18.36
CA TRP B 96 2.35 12.12 17.96
C TRP B 96 2.04 13.59 18.22
N ASP B 97 1.93 14.34 17.12
CA ASP B 97 1.39 15.69 17.11
C ASP B 97 -0.05 15.57 16.59
N ARG B 98 -1.00 16.12 17.34
CA ARG B 98 -2.45 15.89 17.15
C ARG B 98 -3.05 16.56 15.92
N ASP B 99 -2.45 17.69 15.57
CA ASP B 99 -2.89 18.54 14.49
C ASP B 99 -2.14 18.19 13.18
N MET B 100 -1.83 16.89 12.98
CA MET B 100 -0.96 16.43 11.88
C MET B 100 -1.14 14.95 11.47
N ILE C 1 -9.46 -14.36 -7.99
CA ILE C 1 -8.68 -15.59 -7.77
C ILE C 1 -7.29 -15.49 -8.39
N LEU C 2 -6.36 -16.23 -7.78
CA LEU C 2 -4.99 -16.38 -8.28
C LEU C 2 -4.88 -17.06 -9.68
N ALA C 3 -3.80 -16.74 -10.39
CA ALA C 3 -3.39 -17.50 -11.61
C ALA C 3 -3.25 -18.97 -11.27
N LYS C 4 -3.53 -19.83 -12.24
CA LYS C 4 -3.47 -21.27 -12.01
C LYS C 4 -2.07 -21.89 -11.92
N PHE C 5 -1.12 -21.34 -12.69
CA PHE C 5 0.29 -21.75 -12.64
C PHE C 5 1.16 -20.51 -12.72
N LEU C 6 2.35 -20.66 -12.19
CA LEU C 6 3.30 -19.61 -12.12
C LEU C 6 4.60 -20.32 -12.43
N HIS C 7 5.26 -19.93 -13.53
CA HIS C 7 6.43 -20.61 -14.06
C HIS C 7 7.64 -20.05 -13.41
N THR C 8 8.61 -20.92 -13.16
CA THR C 8 9.86 -20.49 -12.57
C THR C 8 10.60 -19.65 -13.59
N LEU C 9 11.38 -18.71 -13.10
CA LEU C 9 12.23 -17.91 -13.94
C LEU C 9 13.48 -18.64 -14.42
#